data_1VKW
#
_entry.id   1VKW
#
_cell.length_a   45.299
_cell.length_b   45.299
_cell.length_c   192.752
_cell.angle_alpha   90.00
_cell.angle_beta   90.00
_cell.angle_gamma   120.00
#
_symmetry.space_group_name_H-M   'P 31 2 1'
#
loop_
_entity.id
_entity.type
_entity.pdbx_description
1 polymer 'putative nitroreductase'
2 non-polymer 'SULFATE ION'
3 water water
#
_entity_poly.entity_id   1
_entity_poly.type   'polypeptide(L)'
_entity_poly.pdbx_seq_one_letter_code
;(MSE)GSDKIHHHHHH(MSE)NIFEAIENRHSVRDFLERK(MSE)PERVKDDIENLLVKFITKKLDWKINLSSFPSYIYA
KAEKHFDELVEYGFQGEQIVLFLTAQGFGTCW(MSE)ARSPHPDVPYIIVFGYPRTRNFTRKRRPITSFLENDLEELPPE
IVKIVE(MSE)TILAPSALNRQPWKIKYTGGELCISSERPVDLGIALSHAYLTAREIFKREPVIQKRGEDTYCLILNP
;
_entity_poly.pdbx_strand_id   A
#
loop_
_chem_comp.id
_chem_comp.type
_chem_comp.name
_chem_comp.formula
SO4 non-polymer 'SULFATE ION' 'O4 S -2'
#
# COMPACT_ATOMS: atom_id res chain seq x y z
N GLY A 2 30.25 9.69 20.09
CA GLY A 2 29.89 10.85 19.23
C GLY A 2 28.82 11.68 19.91
N SER A 3 28.40 12.76 19.27
CA SER A 3 27.32 13.60 19.79
C SER A 3 26.34 14.03 18.70
N ASP A 4 25.12 14.36 19.12
CA ASP A 4 24.04 14.65 18.19
C ASP A 4 22.79 15.08 18.98
N LYS A 5 21.92 15.86 18.33
CA LYS A 5 20.62 16.18 18.92
C LYS A 5 19.87 14.91 19.28
N ILE A 6 19.08 14.96 20.34
CA ILE A 6 18.23 13.83 20.72
C ILE A 6 17.32 13.44 19.54
N HIS A 7 16.68 14.45 18.93
CA HIS A 7 15.97 14.23 17.66
C HIS A 7 16.02 15.49 16.80
N HIS A 8 16.42 15.32 15.55
CA HIS A 8 16.22 16.38 14.55
C HIS A 8 14.78 16.23 14.05
N HIS A 9 14.13 17.34 13.75
CA HIS A 9 12.75 17.28 13.30
C HIS A 9 12.68 16.79 11.86
N HIS A 10 11.62 16.05 11.56
CA HIS A 10 11.31 15.63 10.20
C HIS A 10 9.84 15.96 9.92
N HIS A 11 9.56 16.37 8.69
CA HIS A 11 8.20 16.60 8.24
C HIS A 11 7.43 15.29 8.29
N HIS A 12 6.38 15.23 9.12
CA HIS A 12 5.48 14.09 9.14
C HIS A 12 4.58 14.17 7.91
N MSE A 13 4.70 13.22 6.99
CA MSE A 13 3.79 13.22 5.84
C MSE A 13 2.55 12.38 6.17
O MSE A 13 2.65 11.26 6.67
CB MSE A 13 4.50 12.83 4.52
CG MSE A 13 4.70 11.36 4.19
SE MSE A 13 5.70 11.17 2.46
CE MSE A 13 7.44 11.96 3.00
N ASN A 14 1.39 12.98 5.94
CA ASN A 14 0.12 12.31 6.17
C ASN A 14 -0.13 11.30 5.06
N ILE A 15 -1.18 10.50 5.24
CA ILE A 15 -1.51 9.43 4.31
C ILE A 15 -1.62 9.88 2.85
N PHE A 16 -2.19 11.06 2.62
CA PHE A 16 -2.35 11.57 1.26
C PHE A 16 -0.99 11.85 0.62
N GLU A 17 -0.11 12.46 1.39
CA GLU A 17 1.23 12.79 0.90
C GLU A 17 2.04 11.51 0.66
N ALA A 18 1.92 10.53 1.55
CA ALA A 18 2.60 9.23 1.36
C ALA A 18 2.17 8.53 0.08
N ILE A 19 0.85 8.46 -0.16
CA ILE A 19 0.34 7.85 -1.39
C ILE A 19 0.85 8.62 -2.62
N GLU A 20 0.78 9.95 -2.56
CA GLU A 20 1.19 10.77 -3.69
C GLU A 20 2.71 10.73 -3.92
N ASN A 21 3.48 10.53 -2.85
CA ASN A 21 4.96 10.45 -2.98
C ASN A 21 5.50 9.04 -3.17
N ARG A 22 4.63 8.04 -3.17
CA ARG A 22 5.08 6.66 -3.39
C ARG A 22 5.25 6.39 -4.87
N HIS A 23 6.48 6.03 -5.27
CA HIS A 23 6.78 5.66 -6.67
C HIS A 23 7.60 4.38 -6.68
N SER A 24 7.48 3.60 -7.74
CA SER A 24 8.32 2.41 -7.89
C SER A 24 9.74 2.86 -8.26
N VAL A 25 10.71 2.48 -7.43
CA VAL A 25 12.12 2.81 -7.63
C VAL A 25 12.94 1.53 -7.64
N ARG A 26 13.75 1.35 -8.67
CA ARG A 26 14.67 0.21 -8.81
C ARG A 26 16.13 0.63 -8.62
N ASP A 27 16.40 1.93 -8.82
CA ASP A 27 17.76 2.48 -8.79
C ASP A 27 17.95 3.29 -7.49
N PHE A 28 18.72 2.72 -6.57
CA PHE A 28 18.86 3.24 -5.19
C PHE A 28 20.27 3.72 -4.88
N LEU A 29 20.43 4.26 -3.67
CA LEU A 29 21.73 4.56 -3.07
C LEU A 29 22.06 3.46 -2.05
N GLU A 30 22.98 3.75 -1.12
CA GLU A 30 23.21 2.88 0.04
C GLU A 30 23.35 3.65 1.35
N ARG A 31 23.09 4.96 1.31
CA ARG A 31 23.48 5.90 2.38
C ARG A 31 23.27 5.40 3.81
N LYS A 32 22.18 4.68 4.06
CA LYS A 32 21.93 4.15 5.40
C LYS A 32 20.77 3.16 5.47
N MSE A 33 20.91 2.14 6.31
CA MSE A 33 19.83 1.23 6.64
C MSE A 33 20.15 0.51 7.95
O MSE A 33 20.55 -0.65 7.96
CB MSE A 33 19.59 0.22 5.52
CG MSE A 33 18.18 -0.30 5.50
SE MSE A 33 16.98 0.98 4.65
CE MSE A 33 17.26 0.45 2.83
N PRO A 34 19.99 1.21 9.08
CA PRO A 34 20.33 0.65 10.39
C PRO A 34 19.32 -0.37 10.88
N GLU A 35 19.58 -0.98 12.03
CA GLU A 35 18.61 -1.84 12.70
C GLU A 35 17.45 -0.99 13.22
N ARG A 36 17.72 0.28 13.46
CA ARG A 36 16.71 1.26 13.86
C ARG A 36 15.52 1.30 12.91
N VAL A 37 15.77 1.17 11.60
CA VAL A 37 14.67 1.14 10.63
C VAL A 37 13.94 -0.20 10.65
N LYS A 38 14.64 -1.28 10.98
CA LYS A 38 13.98 -2.56 11.24
C LYS A 38 13.05 -2.41 12.45
N ASP A 39 13.58 -1.78 13.51
CA ASP A 39 12.79 -1.49 14.71
C ASP A 39 11.53 -0.71 14.37
N ASP A 40 11.70 0.36 13.59
CA ASP A 40 10.59 1.22 13.19
C ASP A 40 9.48 0.42 12.47
N ILE A 41 9.87 -0.47 11.56
CA ILE A 41 8.91 -1.31 10.83
C ILE A 41 8.17 -2.25 11.78
N GLU A 42 8.91 -2.87 12.69
CA GLU A 42 8.32 -3.82 13.64
C GLU A 42 7.31 -3.17 14.59
N ASN A 43 7.52 -1.89 14.90
CA ASN A 43 6.59 -1.16 15.76
C ASN A 43 5.35 -0.65 15.01
N LEU A 44 5.42 -0.58 13.68
CA LEU A 44 4.31 -0.10 12.87
C LEU A 44 3.05 -0.89 13.22
N LEU A 45 1.97 -0.19 13.56
CA LEU A 45 0.68 -0.84 13.75
C LEU A 45 0.09 -1.13 12.38
N VAL A 46 -0.21 -2.40 12.13
CA VAL A 46 -0.76 -2.81 10.84
C VAL A 46 -2.19 -3.32 11.02
N LYS A 47 -3.08 -2.87 10.14
CA LYS A 47 -4.44 -3.40 10.09
C LYS A 47 -4.43 -4.69 9.27
N PHE A 48 -5.21 -5.68 9.69
CA PHE A 48 -5.34 -6.91 8.93
C PHE A 48 -6.80 -7.33 8.85
N ILE A 49 -7.12 -8.14 7.84
CA ILE A 49 -8.49 -8.56 7.61
C ILE A 49 -8.82 -9.82 8.42
N THR A 50 -7.94 -10.83 8.34
CA THR A 50 -8.14 -12.11 9.02
C THR A 50 -7.00 -12.41 9.98
N LYS A 51 -5.78 -12.47 9.44
CA LYS A 51 -4.61 -12.78 10.23
C LYS A 51 -3.43 -11.92 9.83
N LYS A 52 -2.61 -11.55 10.83
CA LYS A 52 -1.41 -10.77 10.62
C LYS A 52 -0.34 -11.71 10.08
N LEU A 53 0.30 -11.34 8.98
CA LEU A 53 1.37 -12.16 8.42
C LEU A 53 2.65 -12.03 9.23
N ASP A 54 3.60 -12.91 8.93
CA ASP A 54 4.89 -12.94 9.62
C ASP A 54 5.93 -12.20 8.78
N TRP A 55 5.98 -10.88 8.93
CA TRP A 55 6.85 -10.06 8.10
C TRP A 55 8.32 -10.16 8.52
N LYS A 56 9.16 -10.26 7.50
CA LYS A 56 10.60 -10.42 7.65
C LYS A 56 11.29 -9.30 6.89
N ILE A 57 12.40 -8.83 7.45
CA ILE A 57 13.17 -7.73 6.88
C ILE A 57 14.61 -8.18 6.67
N ASN A 58 15.07 -8.15 5.43
CA ASN A 58 16.45 -8.49 5.10
C ASN A 58 17.25 -7.22 4.77
N LEU A 59 18.23 -6.92 5.60
CA LEU A 59 19.15 -5.79 5.37
C LEU A 59 20.60 -6.29 5.41
N SER A 60 20.79 -7.54 4.98
CA SER A 60 22.11 -8.11 4.73
C SER A 60 22.29 -8.34 3.23
N SER A 61 21.43 -7.71 2.44
CA SER A 61 21.50 -7.75 0.99
C SER A 61 21.24 -6.35 0.45
N PHE A 62 21.85 -6.01 -0.70
CA PHE A 62 21.50 -4.79 -1.42
C PHE A 62 20.79 -5.18 -2.73
N PRO A 63 19.55 -4.74 -2.93
CA PRO A 63 18.85 -3.85 -2.01
C PRO A 63 18.32 -4.61 -0.77
N SER A 64 17.90 -3.77 0.23
CA SER A 64 17.14 -4.28 1.36
C SER A 64 15.74 -4.63 0.90
N TYR A 65 15.17 -5.68 1.47
CA TYR A 65 13.79 -6.06 1.15
C TYR A 65 13.01 -6.69 2.30
N ILE A 66 11.70 -6.51 2.25
CA ILE A 66 10.75 -7.05 3.21
C ILE A 66 9.91 -8.08 2.49
N TYR A 67 9.48 -9.10 3.22
CA TYR A 67 8.64 -10.14 2.66
C TYR A 67 8.00 -10.99 3.76
N ALA A 68 7.02 -11.79 3.37
CA ALA A 68 6.41 -12.76 4.28
C ALA A 68 5.97 -13.97 3.47
N LYS A 69 5.77 -15.09 4.15
CA LYS A 69 5.25 -16.29 3.51
C LYS A 69 3.74 -16.14 3.38
N ALA A 70 3.21 -16.46 2.21
CA ALA A 70 1.77 -16.49 1.99
C ALA A 70 1.38 -17.75 1.23
N GLU A 71 0.17 -18.24 1.49
CA GLU A 71 -0.42 -19.32 0.71
C GLU A 71 -0.93 -18.74 -0.60
N LYS A 72 -0.94 -19.56 -1.65
CA LYS A 72 -1.47 -19.17 -2.95
C LYS A 72 -2.97 -19.44 -2.97
N HIS A 73 -3.69 -18.67 -2.15
CA HIS A 73 -5.14 -18.69 -2.09
C HIS A 73 -5.59 -17.24 -2.14
N PHE A 74 -6.78 -16.99 -2.67
CA PHE A 74 -7.23 -15.62 -2.89
C PHE A 74 -7.14 -14.73 -1.63
N ASP A 75 -7.79 -15.15 -0.54
CA ASP A 75 -7.89 -14.30 0.66
C ASP A 75 -6.53 -14.01 1.30
N GLU A 76 -5.64 -15.00 1.30
CA GLU A 76 -4.32 -14.83 1.91
C GLU A 76 -3.46 -13.87 1.09
N LEU A 77 -3.64 -13.88 -0.22
CA LEU A 77 -2.89 -12.97 -1.09
C LEU A 77 -3.41 -11.52 -0.99
N VAL A 78 -4.72 -11.34 -0.84
CA VAL A 78 -5.30 -10.01 -0.54
C VAL A 78 -4.67 -9.49 0.75
N GLU A 79 -4.57 -10.36 1.75
CA GLU A 79 -3.91 -10.05 3.03
C GLU A 79 -2.49 -9.57 2.80
N TYR A 80 -1.74 -10.28 1.96
CA TYR A 80 -0.36 -9.93 1.64
C TYR A 80 -0.28 -8.52 1.04
N GLY A 81 -1.11 -8.26 0.03
CA GLY A 81 -1.19 -6.93 -0.57
C GLY A 81 -1.63 -5.85 0.42
N PHE A 82 -2.63 -6.17 1.23
CA PHE A 82 -3.20 -5.22 2.19
C PHE A 82 -2.18 -4.79 3.26
N GLN A 83 -1.51 -5.77 3.87
CA GLN A 83 -0.51 -5.48 4.89
C GLN A 83 0.76 -4.92 4.28
N GLY A 84 1.16 -5.49 3.14
CA GLY A 84 2.36 -5.09 2.43
C GLY A 84 2.35 -3.63 1.98
N GLU A 85 1.22 -3.17 1.48
CA GLU A 85 1.12 -1.77 1.06
C GLU A 85 1.11 -0.82 2.27
N GLN A 86 0.59 -1.25 3.42
CA GLN A 86 0.70 -0.47 4.64
C GLN A 86 2.17 -0.21 4.98
N ILE A 87 2.99 -1.25 4.85
CA ILE A 87 4.43 -1.15 5.09
C ILE A 87 5.11 -0.23 4.07
N VAL A 88 4.75 -0.37 2.79
CA VAL A 88 5.26 0.48 1.71
C VAL A 88 5.01 1.94 2.01
N LEU A 89 3.78 2.25 2.40
CA LEU A 89 3.39 3.62 2.68
C LEU A 89 4.09 4.18 3.92
N PHE A 90 4.34 3.31 4.90
CA PHE A 90 5.12 3.69 6.05
C PHE A 90 6.57 4.03 5.63
N LEU A 91 7.15 3.18 4.81
CA LEU A 91 8.52 3.38 4.33
C LEU A 91 8.64 4.64 3.49
N THR A 92 7.62 4.90 2.66
CA THR A 92 7.53 6.13 1.87
C THR A 92 7.61 7.36 2.77
N ALA A 93 6.80 7.35 3.83
CA ALA A 93 6.76 8.44 4.80
C ALA A 93 8.08 8.64 5.53
N GLN A 94 8.85 7.56 5.70
CA GLN A 94 10.20 7.65 6.28
C GLN A 94 11.23 8.11 5.24
N GLY A 95 10.81 8.23 3.98
CA GLY A 95 11.67 8.78 2.92
C GLY A 95 12.30 7.73 2.01
N PHE A 96 11.87 6.49 2.13
CA PHE A 96 12.46 5.39 1.35
C PHE A 96 11.72 5.14 0.04
N GLY A 97 12.48 4.87 -1.01
CA GLY A 97 11.93 4.36 -2.26
C GLY A 97 11.56 2.91 -2.07
N THR A 98 10.54 2.44 -2.78
CA THR A 98 10.13 1.05 -2.72
C THR A 98 9.84 0.54 -4.11
N CYS A 99 9.82 -0.79 -4.25
CA CYS A 99 9.35 -1.44 -5.46
C CYS A 99 8.91 -2.87 -5.14
N TRP A 100 7.71 -3.21 -5.59
CA TRP A 100 7.15 -4.54 -5.46
C TRP A 100 7.82 -5.51 -6.44
N MSE A 101 8.58 -6.46 -5.94
CA MSE A 101 9.32 -7.38 -6.80
C MSE A 101 8.77 -8.80 -6.71
O MSE A 101 8.67 -9.36 -5.62
CB MSE A 101 10.79 -7.36 -6.39
CG MSE A 101 11.53 -6.07 -6.73
SE MSE A 101 12.95 -6.34 -8.04
CE MSE A 101 14.07 -7.59 -7.03
N ALA A 102 8.44 -9.38 -7.85
CA ALA A 102 8.03 -10.79 -7.93
C ALA A 102 9.26 -11.69 -8.06
N ARG A 103 10.20 -11.57 -7.11
CA ARG A 103 11.48 -12.27 -7.17
C ARG A 103 11.56 -13.40 -6.14
N SER A 104 11.91 -13.05 -4.90
CA SER A 104 11.92 -13.99 -3.77
C SER A 104 12.92 -15.15 -3.90
N PRO A 105 13.83 -15.29 -2.93
CA PRO A 105 14.69 -16.47 -2.87
C PRO A 105 14.00 -17.67 -2.23
N HIS A 106 12.89 -17.42 -1.54
CA HIS A 106 12.04 -18.47 -0.98
C HIS A 106 10.86 -18.72 -1.92
N PRO A 107 10.55 -19.99 -2.21
CA PRO A 107 9.51 -20.32 -3.19
C PRO A 107 8.06 -20.25 -2.67
N ASP A 108 7.86 -19.71 -1.46
CA ASP A 108 6.52 -19.52 -0.90
C ASP A 108 6.24 -18.04 -0.58
N VAL A 109 6.96 -17.16 -1.26
CA VAL A 109 6.81 -15.71 -1.09
C VAL A 109 6.32 -15.14 -2.42
N PRO A 110 5.15 -14.49 -2.44
CA PRO A 110 4.58 -13.97 -3.69
C PRO A 110 5.39 -12.83 -4.29
N TYR A 111 5.75 -11.87 -3.45
CA TYR A 111 6.53 -10.72 -3.88
C TYR A 111 7.48 -10.32 -2.75
N ILE A 112 8.58 -9.69 -3.10
CA ILE A 112 9.34 -8.94 -2.11
C ILE A 112 9.06 -7.46 -2.31
N ILE A 113 9.32 -6.67 -1.27
CA ILE A 113 9.26 -5.23 -1.36
C ILE A 113 10.67 -4.73 -1.09
N VAL A 114 11.39 -4.34 -2.14
CA VAL A 114 12.72 -3.78 -1.95
C VAL A 114 12.56 -2.32 -1.56
N PHE A 115 13.52 -1.78 -0.82
CA PHE A 115 13.45 -0.38 -0.43
C PHE A 115 14.82 0.22 -0.13
N GLY A 116 14.87 1.55 -0.12
CA GLY A 116 16.10 2.30 0.10
C GLY A 116 15.94 3.73 -0.36
N TYR A 117 17.02 4.49 -0.34
CA TYR A 117 16.98 5.90 -0.73
C TYR A 117 17.05 6.07 -2.24
N PRO A 118 16.10 6.80 -2.83
CA PRO A 118 16.12 7.05 -4.27
C PRO A 118 17.38 7.78 -4.73
N ARG A 119 17.95 7.32 -5.84
CA ARG A 119 19.02 8.04 -6.53
C ARG A 119 18.45 9.31 -7.15
N THR A 120 17.19 9.21 -7.60
CA THR A 120 16.51 10.29 -8.32
C THR A 120 15.28 10.77 -7.55
N ARG A 121 14.93 12.04 -7.73
CA ARG A 121 13.74 12.63 -7.13
C ARG A 121 12.52 12.51 -8.05
N ASN A 122 12.72 12.87 -9.32
CA ASN A 122 11.62 12.96 -10.26
C ASN A 122 11.11 11.60 -10.73
N PHE A 123 9.89 11.62 -11.25
CA PHE A 123 9.22 10.40 -11.65
C PHE A 123 8.10 10.71 -12.63
N THR A 124 7.43 9.65 -13.06
CA THR A 124 6.27 9.75 -13.94
C THR A 124 5.21 8.83 -13.37
N ARG A 125 3.94 9.16 -13.59
CA ARG A 125 2.85 8.33 -13.12
C ARG A 125 1.87 8.17 -14.24
N LYS A 126 1.75 6.96 -14.74
CA LYS A 126 0.79 6.66 -15.78
C LYS A 126 -0.33 5.88 -15.17
N ARG A 127 -1.54 6.41 -15.30
CA ARG A 127 -2.73 5.70 -14.87
C ARG A 127 -3.81 5.97 -15.88
N ARG A 128 -4.67 4.98 -16.05
CA ARG A 128 -5.84 5.12 -16.88
C ARG A 128 -6.79 6.11 -16.20
N PRO A 129 -7.72 6.68 -16.97
CA PRO A 129 -8.65 7.68 -16.42
C PRO A 129 -9.52 7.14 -15.29
N ILE A 130 -9.79 7.97 -14.29
CA ILE A 130 -10.53 7.51 -13.11
C ILE A 130 -11.86 6.88 -13.50
N THR A 131 -12.51 7.43 -14.52
CA THR A 131 -13.82 6.93 -14.95
C THR A 131 -13.72 5.51 -15.51
N SER A 132 -12.54 5.08 -15.94
CA SER A 132 -12.37 3.73 -16.47
C SER A 132 -12.40 2.68 -15.35
N PHE A 133 -12.19 3.12 -14.12
CA PHE A 133 -12.23 2.25 -12.95
C PHE A 133 -13.58 2.20 -12.26
N LEU A 134 -14.33 3.29 -12.41
CA LEU A 134 -15.49 3.57 -11.57
C LEU A 134 -16.76 3.12 -12.26
N GLU A 135 -17.57 2.32 -11.56
CA GLU A 135 -18.86 1.91 -12.10
C GLU A 135 -19.85 3.08 -12.09
N ASN A 136 -19.70 3.96 -11.11
CA ASN A 136 -20.53 5.16 -10.97
C ASN A 136 -20.12 6.28 -11.90
N ASP A 137 -21.06 7.17 -12.19
CA ASP A 137 -20.74 8.42 -12.84
C ASP A 137 -20.00 9.23 -11.78
N LEU A 138 -18.91 9.87 -12.18
CA LEU A 138 -18.04 10.58 -11.24
C LEU A 138 -18.88 11.61 -10.47
N GLU A 139 -19.94 12.11 -11.09
CA GLU A 139 -20.85 13.09 -10.49
C GLU A 139 -21.74 12.51 -9.38
N GLU A 140 -21.91 11.19 -9.34
CA GLU A 140 -22.68 10.53 -8.27
C GLU A 140 -21.87 10.38 -6.97
N LEU A 141 -20.61 10.82 -6.99
CA LEU A 141 -19.72 10.70 -5.83
C LEU A 141 -19.64 11.98 -5.03
N PRO A 142 -19.88 11.89 -3.73
CA PRO A 142 -19.62 13.04 -2.86
C PRO A 142 -18.11 13.30 -2.83
N PRO A 143 -17.71 14.52 -2.46
CA PRO A 143 -16.29 14.90 -2.50
C PRO A 143 -15.35 13.96 -1.73
N GLU A 144 -15.79 13.41 -0.60
CA GLU A 144 -14.90 12.52 0.17
C GLU A 144 -14.57 11.30 -0.68
N ILE A 145 -15.54 10.82 -1.46
CA ILE A 145 -15.36 9.56 -2.18
C ILE A 145 -14.47 9.76 -3.41
N VAL A 146 -14.65 10.90 -4.09
CA VAL A 146 -13.76 11.26 -5.19
C VAL A 146 -12.31 11.17 -4.68
N LYS A 147 -12.05 11.77 -3.52
CA LYS A 147 -10.69 11.75 -2.96
C LYS A 147 -10.18 10.33 -2.69
N ILE A 148 -11.00 9.49 -2.07
CA ILE A 148 -10.59 8.10 -1.77
C ILE A 148 -10.31 7.34 -3.07
N VAL A 149 -11.15 7.51 -4.07
CA VAL A 149 -10.96 6.80 -5.35
C VAL A 149 -9.66 7.24 -6.04
N GLU A 150 -9.42 8.55 -6.04
CA GLU A 150 -8.20 9.09 -6.63
C GLU A 150 -6.96 8.51 -5.94
N MSE A 151 -7.01 8.43 -4.62
CA MSE A 151 -5.87 7.89 -3.85
C MSE A 151 -5.70 6.38 -4.06
O MSE A 151 -4.58 5.88 -4.03
CB MSE A 151 -6.06 8.17 -2.36
CG MSE A 151 -6.01 9.62 -2.00
SE MSE A 151 -4.29 10.47 -2.42
CE MSE A 151 -4.81 11.25 -4.21
N THR A 152 -6.82 5.68 -4.25
CA THR A 152 -6.80 4.24 -4.53
C THR A 152 -6.16 3.94 -5.89
N ILE A 153 -6.49 4.74 -6.92
CA ILE A 153 -5.94 4.58 -8.28
C ILE A 153 -4.42 4.79 -8.35
N LEU A 154 -3.89 5.57 -7.42
CA LEU A 154 -2.43 5.76 -7.36
C LEU A 154 -1.69 4.55 -6.78
N ALA A 155 -2.42 3.52 -6.36
CA ALA A 155 -1.80 2.29 -5.85
C ALA A 155 -0.93 1.66 -6.93
N PRO A 156 0.12 0.96 -6.53
CA PRO A 156 0.90 0.20 -7.48
C PRO A 156 0.16 -1.09 -7.80
N SER A 157 0.53 -1.69 -8.93
CA SER A 157 -0.01 -2.99 -9.32
C SER A 157 1.05 -3.68 -10.17
N ALA A 158 1.08 -5.01 -10.08
CA ALA A 158 1.94 -5.83 -10.93
C ALA A 158 1.83 -5.40 -12.39
N LEU A 159 2.97 -5.07 -12.99
CA LEU A 159 3.07 -4.61 -14.39
C LEU A 159 2.19 -3.38 -14.74
N ASN A 160 1.86 -2.58 -13.73
CA ASN A 160 0.92 -1.45 -13.87
C ASN A 160 -0.40 -1.79 -14.57
N ARG A 161 -0.90 -2.99 -14.35
CA ARG A 161 -2.12 -3.37 -15.04
C ARG A 161 -3.36 -2.79 -14.41
N GLN A 162 -3.26 -2.31 -13.17
CA GLN A 162 -4.31 -1.51 -12.51
C GLN A 162 -5.63 -2.26 -12.54
N PRO A 163 -5.64 -3.48 -11.97
CA PRO A 163 -6.71 -4.44 -12.21
C PRO A 163 -7.95 -4.24 -11.30
N TRP A 164 -8.46 -3.02 -11.21
CA TRP A 164 -9.53 -2.72 -10.24
C TRP A 164 -10.81 -2.24 -10.87
N LYS A 165 -11.93 -2.72 -10.33
CA LYS A 165 -13.23 -2.17 -10.67
C LYS A 165 -13.81 -1.68 -9.36
N ILE A 166 -14.22 -0.41 -9.32
CA ILE A 166 -14.62 0.25 -8.07
C ILE A 166 -16.07 0.72 -8.17
N LYS A 167 -16.83 0.49 -7.10
CA LYS A 167 -18.22 0.87 -7.05
C LYS A 167 -18.54 1.48 -5.71
N TYR A 168 -19.20 2.63 -5.74
CA TYR A 168 -19.64 3.32 -4.56
C TYR A 168 -21.16 3.14 -4.46
N THR A 169 -21.63 2.69 -3.30
CA THR A 169 -23.06 2.42 -3.12
C THR A 169 -23.80 3.35 -2.16
N GLY A 170 -23.14 4.37 -1.63
CA GLY A 170 -23.72 5.18 -0.57
C GLY A 170 -23.02 4.91 0.74
N GLY A 171 -23.24 3.73 1.32
CA GLY A 171 -22.55 3.33 2.55
C GLY A 171 -21.14 2.75 2.38
N GLU A 172 -20.86 2.24 1.19
CA GLU A 172 -19.66 1.41 0.98
C GLU A 172 -18.96 1.73 -0.31
N LEU A 173 -17.67 1.41 -0.34
CA LEU A 173 -16.83 1.50 -1.53
C LEU A 173 -16.35 0.09 -1.73
N CYS A 174 -16.66 -0.46 -2.90
CA CYS A 174 -16.33 -1.85 -3.22
C CYS A 174 -15.28 -1.90 -4.32
N ILE A 175 -14.25 -2.72 -4.11
CA ILE A 175 -13.19 -2.96 -5.08
C ILE A 175 -13.20 -4.44 -5.44
N SER A 176 -13.31 -4.72 -6.74
CA SER A 176 -13.23 -6.09 -7.26
C SER A 176 -12.02 -6.22 -8.17
N SER A 177 -11.36 -7.38 -8.09
CA SER A 177 -10.23 -7.72 -8.94
C SER A 177 -10.00 -9.23 -8.99
N GLU A 178 -9.49 -9.70 -10.12
CA GLU A 178 -9.02 -11.09 -10.29
C GLU A 178 -7.60 -11.30 -9.71
N ARG A 179 -6.96 -10.22 -9.27
CA ARG A 179 -5.57 -10.23 -8.81
C ARG A 179 -5.53 -9.89 -7.33
N PRO A 180 -5.50 -10.90 -6.47
CA PRO A 180 -5.74 -10.70 -5.05
C PRO A 180 -4.71 -9.78 -4.40
N VAL A 181 -3.43 -9.89 -4.77
CA VAL A 181 -2.41 -9.03 -4.16
C VAL A 181 -2.68 -7.56 -4.49
N ASP A 182 -2.90 -7.28 -5.78
CA ASP A 182 -3.25 -5.95 -6.26
C ASP A 182 -4.53 -5.42 -5.60
N LEU A 183 -5.54 -6.29 -5.47
CA LEU A 183 -6.76 -5.98 -4.73
C LEU A 183 -6.45 -5.48 -3.32
N GLY A 184 -5.63 -6.24 -2.60
CA GLY A 184 -5.23 -5.90 -1.25
C GLY A 184 -4.50 -4.58 -1.18
N ILE A 185 -3.60 -4.35 -2.13
CA ILE A 185 -2.84 -3.10 -2.22
C ILE A 185 -3.78 -1.89 -2.35
N ALA A 186 -4.69 -1.95 -3.32
CA ALA A 186 -5.66 -0.87 -3.53
C ALA A 186 -6.57 -0.70 -2.30
N LEU A 187 -6.97 -1.82 -1.72
CA LEU A 187 -7.85 -1.79 -0.54
C LEU A 187 -7.20 -1.08 0.63
N SER A 188 -5.88 -1.24 0.77
CA SER A 188 -5.10 -0.54 1.80
C SER A 188 -5.18 0.98 1.62
N HIS A 189 -5.09 1.45 0.39
CA HIS A 189 -5.23 2.89 0.11
C HIS A 189 -6.59 3.42 0.46
N ALA A 190 -7.64 2.67 0.09
CA ALA A 190 -9.01 3.09 0.36
C ALA A 190 -9.27 3.09 1.87
N TYR A 191 -8.83 2.03 2.54
CA TYR A 191 -8.96 1.92 3.98
C TYR A 191 -8.26 3.07 4.73
N LEU A 192 -6.99 3.30 4.41
CA LEU A 192 -6.21 4.33 5.10
C LEU A 192 -6.72 5.76 4.84
N THR A 193 -7.16 6.06 3.62
CA THR A 193 -7.67 7.40 3.33
C THR A 193 -9.05 7.62 3.94
N ALA A 194 -9.89 6.58 3.89
CA ALA A 194 -11.21 6.65 4.53
C ALA A 194 -11.12 6.84 6.05
N ARG A 195 -10.13 6.18 6.65
CA ARG A 195 -9.87 6.28 8.08
C ARG A 195 -9.52 7.72 8.45
N GLU A 196 -8.64 8.33 7.65
CA GLU A 196 -8.27 9.73 7.80
C GLU A 196 -9.45 10.69 7.58
N ILE A 197 -10.20 10.49 6.50
CA ILE A 197 -11.28 11.38 6.15
C ILE A 197 -12.41 11.37 7.18
N PHE A 198 -12.87 10.17 7.55
CA PHE A 198 -14.05 10.04 8.39
C PHE A 198 -13.70 10.02 9.86
N LYS A 199 -12.41 9.90 10.15
CA LYS A 199 -11.90 9.82 11.51
C LYS A 199 -12.56 8.67 12.29
N ARG A 200 -12.92 7.61 11.58
CA ARG A 200 -13.45 6.40 12.17
C ARG A 200 -12.72 5.22 11.53
N GLU A 201 -12.80 4.07 12.17
CA GLU A 201 -12.25 2.84 11.63
C GLU A 201 -13.19 2.20 10.60
N PRO A 202 -12.85 2.20 9.30
CA PRO A 202 -13.70 1.52 8.30
C PRO A 202 -13.73 0.03 8.56
N VAL A 203 -14.84 -0.62 8.18
CA VAL A 203 -14.96 -2.07 8.30
C VAL A 203 -14.79 -2.69 6.93
N ILE A 204 -13.94 -3.71 6.84
CA ILE A 204 -13.65 -4.38 5.59
C ILE A 204 -14.36 -5.71 5.60
N GLN A 205 -15.11 -5.98 4.52
CA GLN A 205 -15.87 -7.21 4.39
C GLN A 205 -15.70 -7.81 3.00
N LYS A 206 -15.41 -9.12 2.95
CA LYS A 206 -15.35 -9.83 1.69
C LYS A 206 -16.77 -10.03 1.18
N ARG A 207 -16.96 -9.80 -0.11
CA ARG A 207 -18.26 -9.95 -0.76
C ARG A 207 -18.10 -10.83 -2.00
N GLY A 208 -18.71 -12.01 -1.98
CA GLY A 208 -18.63 -12.94 -3.10
C GLY A 208 -17.21 -13.44 -3.33
N GLU A 209 -16.83 -13.62 -4.59
CA GLU A 209 -15.60 -14.33 -4.95
C GLU A 209 -14.38 -13.42 -5.04
N ASP A 210 -14.56 -12.18 -5.48
CA ASP A 210 -13.41 -11.32 -5.81
C ASP A 210 -13.62 -9.85 -5.50
N THR A 211 -14.43 -9.56 -4.49
CA THR A 211 -14.74 -8.19 -4.10
C THR A 211 -14.56 -8.03 -2.61
N TYR A 212 -14.01 -6.89 -2.23
CA TYR A 212 -13.95 -6.49 -0.83
C TYR A 212 -14.58 -5.12 -0.74
N CYS A 213 -15.50 -4.95 0.21
CA CYS A 213 -16.17 -3.68 0.42
C CYS A 213 -15.72 -3.08 1.71
N LEU A 214 -15.63 -1.76 1.68
CA LEU A 214 -15.27 -0.96 2.83
C LEU A 214 -16.52 -0.25 3.30
N ILE A 215 -16.97 -0.53 4.53
CA ILE A 215 -18.01 0.27 5.13
C ILE A 215 -17.30 1.53 5.65
N LEU A 216 -17.58 2.66 5.01
CA LEU A 216 -16.75 3.86 5.13
C LEU A 216 -16.87 4.59 6.45
N ASN A 217 -18.10 4.80 6.92
CA ASN A 217 -18.32 5.62 8.12
C ASN A 217 -19.13 4.81 9.12
N PRO A 218 -18.53 3.75 9.66
CA PRO A 218 -19.26 2.82 10.51
C PRO A 218 -19.46 3.37 11.91
S SO4 B . 16.84 11.40 14.70
O1 SO4 B . 15.48 11.50 15.22
O2 SO4 B . 17.60 12.60 15.03
O3 SO4 B . 17.45 10.23 15.33
O4 SO4 B . 16.84 11.27 13.26
S SO4 C . 4.32 3.35 -10.03
O1 SO4 C . 4.29 2.66 -11.31
O2 SO4 C . 3.30 4.37 -10.03
O3 SO4 C . 4.11 2.37 -8.98
O4 SO4 C . 5.62 4.00 -9.84
#